data_5EW1
#
_entry.id   5EW1
#
_cell.length_a   145.548
_cell.length_b   145.548
_cell.length_c   145.548
_cell.angle_alpha   90.000
_cell.angle_beta   90.000
_cell.angle_gamma   90.000
#
_symmetry.space_group_name_H-M   'I 2 3'
#
loop_
_entity.id
_entity.type
_entity.pdbx_description
1 polymer 'thrombin light chain'
2 polymer 'Thrombin heavy chain'
3 polymer 'HD22 (27mer)'
4 polymer HD1-deltaT3
5 non-polymer 2-acetamido-2-deoxy-beta-D-glucopyranose
6 non-polymer D-phenylalanyl-N-[(2S,3S)-6-{[amino(iminio)methyl]amino}-1-chloro-2-hydroxyhexan-3-yl]-L-prolinamide
7 non-polymer 'SODIUM ION'
8 water water
#
loop_
_entity_poly.entity_id
_entity_poly.type
_entity_poly.pdbx_seq_one_letter_code
_entity_poly.pdbx_strand_id
1 'polypeptide(L)' TFGSGEADCGLRPLFEKKSLEDKTERELLESYIDGR L
2 'polypeptide(L)'
;IVEGSDAEIGMSPWQVMLFRKSPQELLCGASLISDRWVLTAAHCLLYPPWDKNFTENDLLVRIGKHSRTRYERNIEKISM
LEKIYIHPRYNWRENLDRDIALMKLKKPVAFSDYIHPVCLPDRETAASLLQAGYKGRVTGWGNLKETWTANVGKGQPSVL
QVVNLPIVERPVCKDSTRIRITDNMFCAGYKPDEGKRGDACEGDSGGPFVMKSPFNNRWYQMGIVSWGEGCDRDGKYGFY
THVFRLKKWIQKVIDQFGE
;
H
3 'polydeoxyribonucleotide'
;(DG)(DT)(DC)(DC)(DG)(DT)(DG)(DG)(DT)(DA)(DG)(DG)(DG)(DC)(DA)(DG)(DG)(DT)(DT)(DG)
(DG)(DG)(DG)(DT)(DG)(DA)(DC)
;
D
4 'polydeoxyribonucleotide' (DG)(DG)(3DR)(DT)(DG)(DG)(DT)(DG)(DT)(DG)(DG)(DT)(DT)(DG)(DG) E
#
loop_
_chem_comp.id
_chem_comp.type
_chem_comp.name
_chem_comp.formula
0G6 peptide-like D-phenylalanyl-N-[(2S,3S)-6-{[amino(iminio)methyl]amino}-1-chloro-2-hydroxyhexan-3-yl]-L-prolinamide 'C21 H34 Cl N6 O3 1'
3DR DNA linking 1',2'-DIDEOXYRIBOFURANOSE-5'-PHOSPHATE 'C5 H11 O6 P'
DA DNA linking 2'-DEOXYADENOSINE-5'-MONOPHOSPHATE 'C10 H14 N5 O6 P'
DC DNA linking 2'-DEOXYCYTIDINE-5'-MONOPHOSPHATE 'C9 H14 N3 O7 P'
DG DNA linking 2'-DEOXYGUANOSINE-5'-MONOPHOSPHATE 'C10 H14 N5 O7 P'
DT DNA linking THYMIDINE-5'-MONOPHOSPHATE 'C10 H15 N2 O8 P'
NA non-polymer 'SODIUM ION' 'Na 1'
NAG D-saccharide, beta linking 2-acetamido-2-deoxy-beta-D-glucopyranose 'C8 H15 N O6'
#
# COMPACT_ATOMS: atom_id res chain seq x y z
N ALA A 7 -17.66 -4.12 -1.53
CA ALA A 7 -19.14 -3.61 -1.53
C ALA A 7 -19.34 -2.45 -0.66
N ASP A 8 -19.06 -2.70 0.58
CA ASP A 8 -18.96 -1.69 1.56
C ASP A 8 -17.65 -0.86 1.47
N CYS A 9 -16.79 -1.13 0.51
CA CYS A 9 -15.40 -0.70 0.60
C CYS A 9 -15.21 0.81 0.68
N GLY A 10 -14.06 1.20 1.20
CA GLY A 10 -13.63 2.60 1.12
C GLY A 10 -14.19 3.56 2.18
N LEU A 11 -15.14 3.07 2.99
CA LEU A 11 -15.86 3.90 3.95
C LEU A 11 -15.48 3.44 5.35
N ARG A 12 -14.66 4.23 6.00
CA ARG A 12 -14.10 3.79 7.26
C ARG A 12 -15.18 3.91 8.35
N PRO A 13 -15.43 2.86 9.11
CA PRO A 13 -16.39 2.95 10.22
C PRO A 13 -16.23 4.16 11.17
N LEU A 14 -14.99 4.54 11.49
CA LEU A 14 -14.74 5.58 12.50
C LEU A 14 -14.54 6.93 11.89
N PHE A 15 -14.65 7.01 10.56
CA PHE A 15 -14.50 8.30 9.87
C PHE A 15 -15.69 8.63 9.00
N GLU A 16 -15.78 8.00 7.84
CA GLU A 16 -16.84 8.32 6.92
C GLU A 16 -18.22 7.92 7.50
N LYS A 17 -18.31 6.80 8.20
CA LYS A 17 -19.58 6.38 8.68
C LYS A 17 -20.05 7.20 9.86
N LYS A 18 -19.28 8.14 10.34
CA LYS A 18 -19.71 9.03 11.40
C LYS A 18 -19.74 10.49 10.99
N SER A 19 -19.48 10.73 9.70
CA SER A 19 -19.09 12.04 9.15
C SER A 19 -18.08 12.69 10.04
N LEU A 20 -16.95 12.08 10.17
CA LEU A 20 -15.87 12.66 10.91
C LEU A 20 -14.63 12.60 10.07
N GLU A 21 -13.96 13.75 9.93
CA GLU A 21 -12.70 13.81 9.15
C GLU A 21 -11.41 13.49 9.94
N ASP A 22 -10.47 12.80 9.28
CA ASP A 22 -9.13 12.66 9.85
C ASP A 22 -8.30 13.93 9.78
N LYS A 23 -7.24 13.96 10.54
CA LYS A 23 -6.51 15.17 10.72
C LYS A 23 -5.86 15.70 9.41
N THR A 24 -5.63 14.91 8.36
CA THR A 24 -4.95 15.46 7.16
C THR A 24 -5.64 15.23 5.87
N GLU A 25 -6.90 14.81 5.89
CA GLU A 25 -7.58 14.42 4.61
C GLU A 25 -7.96 15.58 3.73
N ARG A 26 -8.21 16.72 4.34
CA ARG A 26 -8.48 17.92 3.58
C ARG A 26 -7.30 18.26 2.69
N GLU A 27 -6.10 17.91 3.13
CA GLU A 27 -4.93 18.25 2.41
C GLU A 27 -5.05 17.62 1.03
N LEU A 28 -5.53 16.37 1.00
CA LEU A 28 -5.79 15.66 -0.25
C LEU A 28 -6.90 16.30 -1.08
N LEU A 29 -8.00 16.63 -0.44
CA LEU A 29 -9.13 17.15 -1.16
C LEU A 29 -8.79 18.50 -1.77
N GLU A 30 -8.05 19.36 -1.07
CA GLU A 30 -7.58 20.64 -1.62
C GLU A 30 -6.61 20.40 -2.80
N SER A 31 -5.94 19.26 -2.86
CA SER A 31 -5.06 18.97 -3.98
C SER A 31 -5.81 18.68 -5.29
N TYR A 32 -7.08 18.43 -5.23
CA TYR A 32 -7.86 18.33 -6.49
C TYR A 32 -8.39 19.78 -6.76
N ILE B 1 8.17 4.73 6.59
CA ILE B 1 7.60 6.06 6.18
C ILE B 1 8.49 7.13 6.77
N VAL B 2 9.05 7.98 5.92
CA VAL B 2 9.95 9.04 6.40
C VAL B 2 9.14 10.34 6.40
N GLU B 3 9.34 11.18 7.41
CA GLU B 3 8.68 12.48 7.53
C GLU B 3 7.13 12.42 7.54
N GLY B 4 6.56 11.29 7.94
CA GLY B 4 5.12 11.22 8.19
C GLY B 4 4.80 11.46 9.66
N SER B 5 3.64 10.97 10.09
CA SER B 5 3.23 11.02 11.52
C SER B 5 2.42 9.83 11.91
N ASP B 6 2.13 9.70 13.19
CA ASP B 6 1.29 8.62 13.66
C ASP B 6 -0.11 8.65 13.02
N ALA B 7 -0.64 7.47 12.78
CA ALA B 7 -1.94 7.33 12.19
C ALA B 7 -2.96 7.49 13.30
N GLU B 8 -4.07 8.15 13.01
CA GLU B 8 -5.25 7.97 13.83
C GLU B 8 -5.80 6.51 13.80
N ILE B 9 -6.47 6.12 14.89
CA ILE B 9 -7.06 4.81 15.06
C ILE B 9 -8.16 4.68 14.03
N GLY B 10 -8.09 3.62 13.25
CA GLY B 10 -9.08 3.30 12.20
C GLY B 10 -8.86 4.11 10.95
N MET B 11 -7.74 4.83 10.87
CA MET B 11 -7.51 5.74 9.78
C MET B 11 -7.24 5.00 8.50
N SER B 12 -6.62 3.83 8.60
CA SER B 12 -6.33 3.00 7.47
C SER B 12 -6.69 1.55 7.82
N PRO B 13 -8.01 1.25 7.95
CA PRO B 13 -8.49 -0.08 8.38
C PRO B 13 -8.23 -1.27 7.43
N TRP B 14 -7.89 -0.95 6.18
CA TRP B 14 -7.46 -1.89 5.14
C TRP B 14 -5.95 -2.18 5.23
N GLN B 15 -5.25 -1.51 6.13
CA GLN B 15 -3.79 -1.71 6.23
C GLN B 15 -3.62 -3.08 6.81
N VAL B 16 -2.64 -3.78 6.24
CA VAL B 16 -2.34 -5.16 6.57
C VAL B 16 -0.84 -5.26 6.75
N MET B 17 -0.48 -6.12 7.71
CA MET B 17 0.89 -6.42 8.05
C MET B 17 1.25 -7.81 7.58
N LEU B 18 2.24 -7.92 6.74
CA LEU B 18 2.75 -9.20 6.26
C LEU B 18 3.84 -9.65 7.20
N PHE B 19 3.66 -10.80 7.78
CA PHE B 19 4.45 -11.26 8.92
C PHE B 19 5.02 -12.60 8.56
N ARG B 20 6.18 -12.90 9.13
CA ARG B 20 6.78 -14.19 8.89
C ARG B 20 6.63 -15.00 10.17
N LYS B 21 6.23 -16.24 10.05
CA LYS B 21 6.04 -17.05 11.24
C LYS B 21 7.34 -17.24 12.08
N SER B 22 8.47 -17.52 11.43
CA SER B 22 9.74 -17.68 12.15
C SER B 22 11.01 -17.36 11.32
N PRO B 23 11.85 -16.46 11.80
CA PRO B 23 11.66 -15.70 13.06
C PRO B 23 10.44 -14.88 12.95
N GLN B 24 9.81 -14.52 14.08
CA GLN B 24 8.62 -13.67 14.00
C GLN B 24 9.07 -12.30 13.63
N GLU B 25 8.97 -11.94 12.36
CA GLU B 25 9.40 -10.63 11.90
C GLU B 25 8.42 -10.06 10.86
N LEU B 26 8.32 -8.75 10.85
CA LEU B 26 7.52 -8.03 9.91
C LEU B 26 8.25 -7.86 8.58
N LEU B 27 7.64 -8.37 7.53
CA LEU B 27 8.22 -8.31 6.22
C LEU B 27 7.77 -7.11 5.45
N CYS B 28 6.50 -6.78 5.45
CA CYS B 28 5.98 -5.84 4.50
C CYS B 28 4.63 -5.33 4.87
N GLY B 29 4.15 -4.39 4.09
CA GLY B 29 2.76 -4.04 4.14
C GLY B 29 1.97 -4.87 3.13
N ALA B 30 0.68 -4.69 3.22
CA ALA B 30 -0.24 -5.23 2.28
C ALA B 30 -1.59 -4.49 2.53
N SER B 31 -2.66 -4.92 1.88
CA SER B 31 -3.94 -4.24 2.02
C SER B 31 -5.15 -5.18 1.83
N LEU B 32 -6.25 -4.90 2.53
CA LEU B 32 -7.40 -5.76 2.45
C LEU B 32 -8.35 -5.24 1.35
N ILE B 33 -8.67 -6.14 0.43
CA ILE B 33 -9.42 -5.80 -0.72
C ILE B 33 -10.70 -6.57 -0.69
N SER B 34 -10.76 -7.80 -0.23
CA SER B 34 -12.06 -8.47 0.00
C SER B 34 -12.05 -9.10 1.38
N ASP B 35 -13.08 -9.84 1.75
CA ASP B 35 -13.03 -10.59 2.97
C ASP B 35 -12.05 -11.81 2.92
N ARG B 36 -11.60 -12.25 1.72
CA ARG B 36 -10.63 -13.42 1.54
C ARG B 36 -9.27 -13.10 0.89
N TRP B 37 -9.03 -11.82 0.52
CA TRP B 37 -7.90 -11.47 -0.36
C TRP B 37 -7.15 -10.28 0.13
N VAL B 38 -5.83 -10.42 0.05
CA VAL B 38 -4.94 -9.36 0.40
C VAL B 38 -3.97 -9.15 -0.73
N LEU B 39 -3.68 -7.90 -0.98
CA LEU B 39 -2.85 -7.46 -2.05
C LEU B 39 -1.55 -6.91 -1.46
N THR B 40 -0.42 -7.45 -1.87
CA THR B 40 0.89 -6.93 -1.54
C THR B 40 1.75 -6.77 -2.85
N ALA B 41 2.98 -6.33 -2.63
CA ALA B 41 4.06 -6.29 -3.59
C ALA B 41 4.69 -7.64 -3.71
N ALA B 42 4.98 -8.03 -4.93
CA ALA B 42 5.55 -9.36 -5.20
C ALA B 42 6.88 -9.55 -4.54
N HIS B 43 7.70 -8.49 -4.54
CA HIS B 43 9.04 -8.65 -4.01
C HIS B 43 9.06 -8.96 -2.52
N CYS B 44 7.93 -8.68 -1.84
CA CYS B 44 7.78 -9.09 -0.46
C CYS B 44 7.85 -10.60 -0.27
N LEU B 45 7.48 -11.32 -1.29
CA LEU B 45 7.43 -12.78 -1.29
C LEU B 45 8.51 -13.46 -2.10
N LEU B 46 8.68 -12.97 -3.30
CA LEU B 46 9.63 -13.54 -4.17
C LEU B 46 10.68 -12.53 -4.65
N TYR B 47 11.93 -12.70 -4.30
CA TYR B 47 13.00 -11.84 -4.83
C TYR B 47 14.27 -12.66 -5.02
N PRO B 48 14.36 -13.30 -6.20
CA PRO B 48 15.38 -14.23 -6.54
C PRO B 48 16.82 -13.74 -6.49
N PRO B 49 17.07 -12.45 -6.72
CA PRO B 49 18.48 -12.05 -6.62
C PRO B 49 19.01 -12.18 -5.21
N TRP B 50 18.12 -12.29 -4.23
CA TRP B 50 18.49 -12.62 -2.84
C TRP B 50 17.93 -13.93 -2.38
N ASP B 51 17.57 -14.80 -3.34
CA ASP B 51 16.98 -16.09 -3.07
C ASP B 51 15.84 -15.98 -2.07
N LYS B 52 14.96 -15.03 -2.21
CA LYS B 52 13.81 -14.96 -1.31
C LYS B 52 12.70 -15.63 -2.02
N ASN B 53 12.04 -16.58 -1.38
CA ASN B 53 10.88 -17.24 -2.01
C ASN B 53 10.06 -17.84 -0.93
N PHE B 54 9.11 -17.07 -0.43
CA PHE B 54 8.31 -17.48 0.71
C PHE B 54 7.08 -18.31 0.32
N THR B 55 6.89 -19.46 0.96
CA THR B 55 5.71 -20.32 0.77
C THR B 55 4.56 -19.69 1.54
N GLU B 56 3.36 -20.15 1.16
CA GLU B 56 2.12 -19.99 1.93
C GLU B 56 2.24 -20.28 3.45
N ASN B 57 2.96 -21.33 3.83
CA ASN B 57 3.18 -21.61 5.28
C ASN B 57 4.32 -20.92 5.96
N ASP B 58 5.02 -20.05 5.25
CA ASP B 58 6.03 -19.23 5.86
C ASP B 58 5.42 -18.03 6.53
N LEU B 59 4.21 -17.64 6.18
CA LEU B 59 3.71 -16.31 6.53
C LEU B 59 2.34 -16.25 7.20
N LEU B 60 2.09 -15.14 7.85
CA LEU B 60 0.76 -14.73 8.30
C LEU B 60 0.45 -13.33 7.81
N VAL B 61 -0.80 -12.94 7.88
CA VAL B 61 -1.14 -11.54 7.77
C VAL B 61 -1.87 -11.11 9.05
N ARG B 62 -1.66 -9.86 9.44
CA ARG B 62 -2.29 -9.28 10.63
C ARG B 62 -3.04 -8.07 10.17
N ILE B 63 -4.34 -8.05 10.44
CA ILE B 63 -5.25 -6.98 10.04
C ILE B 63 -5.76 -6.25 11.30
N GLY B 64 -6.12 -4.99 11.11
CA GLY B 64 -6.62 -4.13 12.18
C GLY B 64 -5.60 -3.57 13.15
N LYS B 65 -4.30 -3.70 12.88
CA LYS B 65 -3.29 -3.26 13.85
C LYS B 65 -2.94 -1.76 13.80
N HIS B 66 -2.35 -1.30 14.89
CA HIS B 66 -1.86 0.05 15.04
C HIS B 66 -0.43 0.00 15.70
N SER B 67 -0.31 -0.61 16.88
CA SER B 67 0.98 -0.98 17.45
C SER B 67 1.72 -1.96 16.55
N ARG B 68 3.03 -1.76 16.38
CA ARG B 68 3.84 -2.55 15.46
C ARG B 68 3.99 -4.00 15.93
N THR B 69 4.24 -4.22 17.20
CA THR B 69 4.70 -5.52 17.71
C THR B 69 3.69 -6.21 18.63
N ARG B 70 3.07 -5.40 19.51
CA ARG B 70 2.11 -5.86 20.52
C ARG B 70 0.83 -6.52 19.95
N TYR B 71 0.41 -7.65 20.54
CA TYR B 71 -0.88 -8.23 20.19
C TYR B 71 -2.05 -7.34 20.61
N GLU B 72 -2.82 -6.89 19.64
CA GLU B 72 -3.92 -6.02 19.95
C GLU B 72 -5.19 -6.79 20.17
N ARG B 73 -5.33 -7.30 21.38
CA ARG B 73 -6.45 -8.14 21.76
C ARG B 73 -7.84 -7.57 21.47
N ASN B 74 -8.66 -8.45 20.91
CA ASN B 74 -10.01 -8.16 20.40
C ASN B 74 -10.05 -7.05 19.43
N ILE B 75 -8.93 -6.73 18.82
CA ILE B 75 -8.86 -5.68 17.81
C ILE B 75 -8.32 -6.28 16.54
N GLU B 76 -7.17 -6.96 16.62
CA GLU B 76 -6.57 -7.50 15.41
C GLU B 76 -7.06 -8.82 15.03
N LYS B 77 -6.83 -9.12 13.75
CA LYS B 77 -7.10 -10.45 13.17
C LYS B 77 -5.84 -11.04 12.54
N ILE B 78 -5.42 -12.23 13.00
CA ILE B 78 -4.31 -12.97 12.41
C ILE B 78 -4.88 -14.04 11.50
N SER B 79 -4.53 -14.02 10.20
CA SER B 79 -4.94 -15.07 9.21
C SER B 79 -3.84 -15.84 8.48
N MET B 80 -4.10 -17.14 8.31
CA MET B 80 -3.17 -18.05 7.63
C MET B 80 -3.54 -17.93 6.15
N LEU B 81 -2.58 -18.18 5.27
CA LEU B 81 -2.76 -18.01 3.80
C LEU B 81 -3.11 -19.32 3.11
N GLU B 82 -4.14 -19.33 2.27
CA GLU B 82 -4.49 -20.52 1.43
C GLU B 82 -3.57 -20.67 0.24
N LYS B 83 -3.36 -19.57 -0.45
CA LYS B 83 -2.65 -19.59 -1.69
C LYS B 83 -2.03 -18.22 -2.03
N ILE B 84 -0.81 -18.21 -2.54
CA ILE B 84 -0.16 -17.02 -3.10
C ILE B 84 -0.18 -16.99 -4.62
N TYR B 85 -0.55 -15.88 -5.20
CA TYR B 85 -0.55 -15.64 -6.66
C TYR B 85 0.35 -14.45 -7.04
N ILE B 86 1.43 -14.72 -7.75
CA ILE B 86 2.29 -13.65 -8.30
C ILE B 86 1.98 -13.44 -9.79
N HIS B 87 2.07 -12.18 -10.16
CA HIS B 87 1.81 -11.79 -11.55
C HIS B 87 2.79 -12.47 -12.47
N PRO B 88 2.32 -13.07 -13.52
CA PRO B 88 3.24 -13.86 -14.33
C PRO B 88 4.30 -13.09 -15.02
N ARG B 89 4.09 -11.79 -15.19
CA ARG B 89 4.98 -10.84 -15.84
C ARG B 89 5.82 -9.98 -14.92
N TYR B 90 5.91 -10.39 -13.66
CA TYR B 90 6.68 -9.71 -12.64
C TYR B 90 8.11 -9.86 -12.96
N ASN B 91 8.82 -8.74 -13.06
CA ASN B 91 10.23 -8.76 -13.44
C ASN B 91 11.11 -8.37 -12.28
N TRP B 92 11.65 -9.38 -11.62
CA TRP B 92 12.48 -9.17 -10.44
C TRP B 92 13.89 -8.69 -10.78
N ARG B 93 14.33 -8.92 -12.01
CA ARG B 93 15.68 -8.60 -12.35
C ARG B 93 15.87 -7.16 -12.66
N GLU B 94 14.96 -6.60 -13.43
CA GLU B 94 15.31 -5.35 -14.07
C GLU B 94 14.75 -4.13 -13.44
N ASN B 95 13.46 -4.11 -13.16
CA ASN B 95 12.81 -2.92 -12.61
C ASN B 95 11.59 -3.21 -11.75
N LEU B 96 11.42 -4.44 -11.27
CA LEU B 96 10.25 -4.71 -10.47
C LEU B 96 8.96 -4.27 -11.18
N ASP B 97 8.89 -4.52 -12.48
CA ASP B 97 7.71 -4.28 -13.29
C ASP B 97 6.63 -5.20 -12.82
N ARG B 98 5.41 -4.69 -12.78
CA ARG B 98 4.27 -5.48 -12.27
C ARG B 98 4.65 -6.08 -10.86
N ASP B 99 5.19 -5.23 -10.00
CA ASP B 99 5.53 -5.69 -8.65
C ASP B 99 4.25 -5.89 -7.85
N ILE B 100 3.54 -7.01 -8.06
CA ILE B 100 2.26 -7.21 -7.42
C ILE B 100 2.01 -8.68 -7.10
N ALA B 101 1.36 -8.94 -5.96
CA ALA B 101 0.94 -10.27 -5.57
C ALA B 101 -0.39 -10.21 -4.83
N LEU B 102 -1.12 -11.32 -4.85
CA LEU B 102 -2.40 -11.53 -4.13
C LEU B 102 -2.24 -12.77 -3.22
N MET B 103 -2.77 -12.69 -2.03
CA MET B 103 -2.73 -13.81 -1.13
C MET B 103 -4.17 -14.10 -0.73
N LYS B 104 -4.58 -15.33 -1.02
CA LYS B 104 -5.86 -15.84 -0.58
C LYS B 104 -5.76 -16.32 0.85
N LEU B 105 -6.65 -15.83 1.72
CA LEU B 105 -6.68 -16.24 3.15
C LEU B 105 -7.39 -17.58 3.29
N LYS B 106 -6.91 -18.38 4.25
CA LYS B 106 -7.50 -19.65 4.51
C LYS B 106 -8.96 -19.52 4.85
N LYS B 107 -9.38 -18.48 5.59
CA LYS B 107 -10.82 -18.26 5.80
C LYS B 107 -11.19 -16.82 5.64
N PRO B 108 -12.46 -16.55 5.34
CA PRO B 108 -12.91 -15.15 5.30
C PRO B 108 -12.83 -14.44 6.63
N VAL B 109 -12.45 -13.19 6.56
CA VAL B 109 -12.31 -12.32 7.70
C VAL B 109 -13.60 -11.48 7.93
N ALA B 110 -13.96 -11.34 9.19
CA ALA B 110 -15.00 -10.42 9.59
C ALA B 110 -14.52 -8.98 9.64
N PHE B 111 -15.20 -8.09 8.97
CA PHE B 111 -14.90 -6.68 9.05
C PHE B 111 -15.40 -6.15 10.36
N SER B 112 -14.92 -4.93 10.68
CA SER B 112 -15.11 -4.25 11.98
C SER B 112 -14.69 -2.74 11.87
N ASP B 113 -14.57 -2.07 13.03
CA ASP B 113 -14.12 -0.67 13.09
C ASP B 113 -12.72 -0.54 12.60
N TYR B 114 -11.95 -1.61 12.78
CA TYR B 114 -10.47 -1.58 12.52
C TYR B 114 -10.06 -2.33 11.29
N ILE B 115 -10.98 -3.14 10.76
CA ILE B 115 -10.72 -4.07 9.69
C ILE B 115 -11.82 -3.85 8.73
N HIS B 116 -11.41 -3.44 7.52
CA HIS B 116 -12.34 -3.02 6.50
C HIS B 116 -11.65 -2.83 5.16
N PRO B 117 -12.20 -3.38 4.07
CA PRO B 117 -11.59 -3.34 2.77
C PRO B 117 -11.59 -1.99 2.09
N VAL B 118 -10.53 -1.68 1.34
CA VAL B 118 -10.43 -0.52 0.47
C VAL B 118 -10.94 -0.90 -0.94
N CYS B 119 -11.36 0.09 -1.72
CA CYS B 119 -11.91 -0.15 -3.02
C CYS B 119 -10.76 -0.12 -3.99
N LEU B 120 -10.86 -0.91 -5.03
CA LEU B 120 -10.06 -0.75 -6.22
C LEU B 120 -10.70 0.19 -7.27
N PRO B 121 -9.88 0.96 -7.99
CA PRO B 121 -10.46 1.98 -8.87
C PRO B 121 -11.07 1.44 -10.14
N ASP B 122 -12.20 2.02 -10.56
CA ASP B 122 -12.70 1.90 -11.93
C ASP B 122 -12.00 2.86 -12.91
N ARG B 123 -12.34 2.71 -14.16
CA ARG B 123 -11.71 3.54 -15.17
C ARG B 123 -11.90 5.03 -14.91
N GLU B 124 -13.12 5.44 -14.53
CA GLU B 124 -13.44 6.85 -14.45
C GLU B 124 -12.71 7.49 -13.30
N THR B 125 -12.72 6.79 -12.17
CA THR B 125 -12.04 7.23 -10.93
C THR B 125 -10.58 7.42 -11.23
N ALA B 126 -9.98 6.42 -11.84
CA ALA B 126 -8.57 6.40 -12.19
C ALA B 126 -8.13 7.52 -13.14
N ALA B 127 -8.94 7.75 -14.18
CA ALA B 127 -8.67 8.76 -15.17
C ALA B 127 -8.59 10.02 -14.39
N SER B 128 -9.67 10.26 -13.65
CA SER B 128 -9.89 11.46 -12.87
C SER B 128 -8.86 11.83 -11.80
N LEU B 129 -8.36 10.83 -11.08
CA LEU B 129 -7.49 11.03 -9.92
C LEU B 129 -6.02 10.86 -10.15
N LEU B 130 -5.65 10.07 -11.15
CA LEU B 130 -4.22 9.87 -11.46
C LEU B 130 -3.70 11.01 -12.29
N GLN B 131 -3.46 12.10 -11.60
CA GLN B 131 -3.09 13.32 -12.26
C GLN B 131 -2.02 13.99 -11.44
N ALA B 132 -1.03 14.56 -12.13
CA ALA B 132 0.12 15.04 -11.40
C ALA B 132 -0.33 16.25 -10.55
N GLY B 133 0.14 16.28 -9.32
CA GLY B 133 -0.27 17.29 -8.40
C GLY B 133 -1.26 16.79 -7.37
N TYR B 134 -2.05 15.78 -7.67
CA TYR B 134 -3.02 15.33 -6.72
C TYR B 134 -2.24 14.54 -5.68
N LYS B 135 -2.63 14.69 -4.42
CA LYS B 135 -2.03 13.95 -3.37
C LYS B 135 -2.84 12.74 -3.01
N GLY B 136 -2.09 11.70 -2.70
CA GLY B 136 -2.62 10.49 -2.11
C GLY B 136 -1.88 10.23 -0.80
N ARG B 137 -2.13 9.06 -0.21
CA ARG B 137 -1.70 8.75 1.13
C ARG B 137 -1.11 7.34 1.26
N VAL B 138 0.05 7.27 1.88
CA VAL B 138 0.80 6.05 2.06
C VAL B 138 0.97 5.77 3.55
N THR B 139 0.87 4.51 3.92
CA THR B 139 0.93 4.12 5.29
C THR B 139 1.89 2.96 5.43
N GLY B 140 2.52 2.85 6.58
CA GLY B 140 3.22 1.59 6.88
C GLY B 140 3.97 1.60 8.16
N TRP B 141 4.52 0.46 8.49
CA TRP B 141 5.45 0.40 9.60
C TRP B 141 6.92 0.28 9.21
N GLY B 142 7.25 0.65 7.98
CA GLY B 142 8.63 0.66 7.53
C GLY B 142 9.48 1.71 8.20
N ASN B 143 10.72 1.82 7.76
CA ASN B 143 11.69 2.60 8.50
C ASN B 143 11.45 4.11 8.45
N LEU B 144 11.89 4.80 9.51
CA LEU B 144 11.71 6.24 9.64
C LEU B 144 12.82 7.10 9.04
N LYS B 145 14.04 6.59 9.00
CA LYS B 145 15.10 7.23 8.23
C LYS B 145 15.64 6.17 7.32
N GLU B 146 16.67 6.48 6.53
CA GLU B 146 17.26 5.45 5.71
C GLU B 146 18.52 4.79 6.32
N THR B 147 19.09 5.21 7.48
CA THR B 147 20.37 4.62 7.98
C THR B 147 20.39 4.18 9.48
N GLY B 155 14.79 3.83 15.06
CA GLY B 155 14.78 3.13 13.74
C GLY B 155 13.42 2.78 13.07
N GLN B 156 12.60 1.91 13.68
CA GLN B 156 11.23 1.59 13.18
C GLN B 156 10.18 2.08 14.16
N PRO B 157 8.95 2.30 13.65
CA PRO B 157 7.97 3.04 14.39
C PRO B 157 7.21 2.20 15.38
N SER B 158 6.89 2.83 16.48
CA SER B 158 6.12 2.27 17.53
C SER B 158 4.70 1.96 17.03
N VAL B 159 4.09 2.88 16.29
CA VAL B 159 2.77 2.62 15.69
C VAL B 159 2.79 2.98 14.20
N LEU B 160 1.69 2.63 13.53
CA LEU B 160 1.51 2.84 12.11
C LEU B 160 1.82 4.29 11.67
N GLN B 161 2.58 4.47 10.58
CA GLN B 161 2.91 5.82 10.07
C GLN B 161 2.16 6.14 8.76
N VAL B 162 1.77 7.39 8.64
CA VAL B 162 1.05 7.88 7.50
C VAL B 162 1.74 9.14 7.01
N VAL B 163 1.71 9.27 5.68
CA VAL B 163 2.17 10.47 5.01
C VAL B 163 1.40 10.76 3.70
N ASN B 164 1.19 12.03 3.34
CA ASN B 164 0.51 12.35 2.11
C ASN B 164 1.49 12.96 1.12
N LEU B 165 1.45 12.50 -0.10
CA LEU B 165 2.45 12.85 -1.11
C LEU B 165 1.78 13.04 -2.48
N PRO B 166 2.29 13.94 -3.30
CA PRO B 166 1.65 14.15 -4.58
C PRO B 166 2.16 13.23 -5.72
N ILE B 167 1.23 12.87 -6.62
CA ILE B 167 1.59 12.11 -7.80
C ILE B 167 2.41 13.06 -8.68
N VAL B 168 3.41 12.51 -9.37
CA VAL B 168 4.39 13.31 -10.11
C VAL B 168 4.30 13.01 -11.61
N GLU B 169 4.59 14.00 -12.45
CA GLU B 169 4.53 13.81 -13.93
C GLU B 169 5.50 12.73 -14.36
N ARG B 170 5.13 11.96 -15.37
CA ARG B 170 5.96 10.82 -15.71
C ARG B 170 7.32 11.20 -16.24
N PRO B 171 7.40 12.32 -16.99
CA PRO B 171 8.77 12.63 -17.43
C PRO B 171 9.72 12.94 -16.26
N VAL B 172 9.21 13.56 -15.21
CA VAL B 172 10.02 13.82 -14.02
C VAL B 172 10.47 12.52 -13.34
N CYS B 173 9.53 11.62 -13.15
CA CYS B 173 9.80 10.26 -12.61
C CYS B 173 10.83 9.54 -13.45
N LYS B 174 10.68 9.61 -14.77
CA LYS B 174 11.63 8.97 -15.71
C LYS B 174 13.05 9.52 -15.59
N ASP B 175 13.23 10.84 -15.69
CA ASP B 175 14.51 11.53 -15.40
C ASP B 175 15.14 11.33 -13.98
N SER B 176 14.32 10.95 -12.98
CA SER B 176 14.79 10.86 -11.56
C SER B 176 15.62 9.63 -11.23
N THR B 177 15.60 8.63 -12.10
CA THR B 177 16.08 7.32 -11.74
C THR B 177 16.77 6.72 -12.89
N ARG B 178 17.70 5.82 -12.61
CA ARG B 178 18.44 5.18 -13.68
C ARG B 178 17.67 4.02 -14.26
N ILE B 179 16.82 3.45 -13.44
CA ILE B 179 16.07 2.28 -13.74
C ILE B 179 15.01 2.48 -14.82
N ARG B 180 14.80 1.44 -15.65
CA ARG B 180 13.81 1.46 -16.74
C ARG B 180 12.47 1.44 -16.08
N ILE B 181 11.57 2.35 -16.39
CA ILE B 181 10.25 2.39 -15.77
C ILE B 181 9.17 2.12 -16.80
N THR B 182 8.19 1.34 -16.40
CA THR B 182 7.12 0.97 -17.26
C THR B 182 5.88 1.76 -16.91
N ASP B 183 4.91 1.75 -17.80
CA ASP B 183 3.62 2.40 -17.53
C ASP B 183 2.81 1.58 -16.54
N ASN B 184 3.36 0.48 -16.05
CA ASN B 184 2.80 -0.20 -14.86
C ASN B 184 3.24 0.34 -13.52
N MET B 185 3.91 1.48 -13.53
CA MET B 185 4.34 2.07 -12.27
C MET B 185 4.23 3.59 -12.36
N PHE B 186 3.88 4.24 -11.25
CA PHE B 186 3.94 5.69 -11.13
C PHE B 186 4.85 6.16 -9.99
N CYS B 187 5.26 7.43 -9.97
CA CYS B 187 6.07 7.93 -8.87
C CYS B 187 5.34 9.10 -8.14
N ALA B 188 5.70 9.29 -6.87
CA ALA B 188 5.02 10.26 -5.99
C ALA B 188 6.04 10.77 -4.98
N GLY B 189 5.86 12.02 -4.55
CA GLY B 189 6.82 12.69 -3.71
C GLY B 189 6.83 14.15 -3.95
N TYR B 190 7.49 14.89 -3.08
CA TYR B 190 7.69 16.33 -3.32
C TYR B 190 8.95 16.50 -4.11
N LYS B 191 9.00 17.57 -4.86
CA LYS B 191 10.22 18.01 -5.54
C LYS B 191 11.08 18.83 -4.56
N PRO B 192 12.34 19.00 -4.90
CA PRO B 192 13.24 19.68 -3.94
C PRO B 192 12.91 21.15 -3.62
N ASP B 193 12.34 21.85 -4.58
CA ASP B 193 11.95 23.25 -4.36
C ASP B 193 10.49 23.39 -3.86
N GLU B 194 9.80 22.30 -3.53
CA GLU B 194 8.45 22.41 -2.95
C GLU B 194 8.48 22.60 -1.42
N GLY B 195 9.63 22.44 -0.78
CA GLY B 195 9.71 22.71 0.66
C GLY B 195 9.31 21.54 1.57
N LYS B 196 8.07 21.09 1.43
CA LYS B 196 7.56 19.95 2.17
C LYS B 196 8.33 18.66 1.72
N ARG B 197 8.36 17.65 2.61
CA ARG B 197 9.10 16.42 2.39
C ARG B 197 8.24 15.22 2.68
N GLY B 198 8.84 14.02 2.62
CA GLY B 198 8.13 12.76 2.82
C GLY B 198 8.36 11.66 1.78
N ASP B 199 8.35 10.41 2.25
CA ASP B 199 8.50 9.20 1.45
C ASP B 199 8.16 7.91 2.25
N ALA B 200 7.93 6.84 1.50
CA ALA B 200 7.99 5.45 2.03
C ALA B 200 9.46 5.03 2.08
N CYS B 201 9.70 3.93 2.75
CA CYS B 201 11.05 3.48 2.94
C CYS B 201 10.97 1.98 3.00
N GLU B 202 12.09 1.34 3.35
CA GLU B 202 12.11 -0.12 3.46
C GLU B 202 11.19 -0.57 4.54
N GLY B 203 10.54 -1.70 4.26
CA GLY B 203 9.55 -2.31 5.07
C GLY B 203 8.16 -1.90 4.76
N ASP B 204 7.98 -0.78 4.05
CA ASP B 204 6.65 -0.27 3.70
C ASP B 204 6.16 -0.88 2.38
N SER B 205 6.93 -1.72 1.70
CA SER B 205 6.44 -2.34 0.49
C SER B 205 5.21 -3.15 0.72
N GLY B 206 4.32 -3.10 -0.27
CA GLY B 206 3.00 -3.76 -0.28
C GLY B 206 1.90 -2.92 0.35
N GLY B 207 2.32 -1.92 1.12
CA GLY B 207 1.44 -0.91 1.64
C GLY B 207 0.72 -0.12 0.55
N PRO B 208 -0.53 0.34 0.83
CA PRO B 208 -1.35 1.06 -0.15
C PRO B 208 -1.09 2.59 -0.27
N PHE B 209 -0.97 3.04 -1.51
CA PHE B 209 -1.03 4.46 -1.90
C PHE B 209 -2.48 4.63 -2.21
N VAL B 210 -3.16 5.49 -1.48
CA VAL B 210 -4.58 5.63 -1.64
C VAL B 210 -5.00 7.08 -1.86
N MET B 211 -6.21 7.24 -2.44
CA MET B 211 -6.82 8.54 -2.72
C MET B 211 -8.30 8.53 -2.34
N LYS B 212 -8.76 9.68 -1.84
CA LYS B 212 -10.17 9.82 -1.51
C LYS B 212 -10.93 10.49 -2.66
N SER B 213 -11.98 9.77 -3.10
CA SER B 213 -12.80 10.21 -4.21
C SER B 213 -13.69 11.33 -3.77
N PRO B 214 -13.52 12.52 -4.41
CA PRO B 214 -14.41 13.60 -4.13
C PRO B 214 -15.84 13.33 -4.65
N PHE B 215 -16.01 12.37 -5.54
CA PHE B 215 -17.29 12.11 -6.14
C PHE B 215 -18.19 11.28 -5.27
N ASN B 216 -17.65 10.44 -4.41
CA ASN B 216 -18.47 9.52 -3.58
C ASN B 216 -17.96 9.24 -2.20
N ASN B 217 -16.93 9.98 -1.74
CA ASN B 217 -16.33 9.79 -0.44
C ASN B 217 -15.55 8.51 -0.10
N ARG B 218 -15.42 7.60 -1.03
CA ARG B 218 -14.77 6.33 -0.75
C ARG B 218 -13.28 6.51 -0.96
N TRP B 219 -12.50 5.69 -0.29
CA TRP B 219 -11.04 5.63 -0.51
C TRP B 219 -10.72 4.51 -1.51
N TYR B 220 -9.81 4.81 -2.43
CA TYR B 220 -9.43 3.88 -3.44
C TYR B 220 -7.97 3.71 -3.36
N GLN B 221 -7.55 2.46 -3.55
CA GLN B 221 -6.14 2.09 -3.69
C GLN B 221 -5.64 2.21 -5.14
N MET B 222 -4.87 3.26 -5.35
CA MET B 222 -4.29 3.53 -6.62
C MET B 222 -2.86 2.91 -6.84
N GLY B 223 -2.19 2.53 -5.74
CA GLY B 223 -0.83 2.05 -5.86
C GLY B 223 -0.44 1.13 -4.76
N ILE B 224 0.62 0.36 -5.02
CA ILE B 224 1.28 -0.45 -4.01
C ILE B 224 2.70 0.07 -3.91
N VAL B 225 3.21 0.24 -2.67
CA VAL B 225 4.55 0.73 -2.42
C VAL B 225 5.48 -0.30 -3.04
N SER B 226 6.25 0.09 -4.07
CA SER B 226 7.09 -0.87 -4.78
C SER B 226 8.56 -0.67 -4.51
N TRP B 227 9.10 0.48 -4.89
CA TRP B 227 10.54 0.72 -4.74
C TRP B 227 10.97 2.16 -4.61
N GLY B 228 12.26 2.37 -4.43
CA GLY B 228 12.87 3.69 -4.29
C GLY B 228 14.39 3.66 -4.35
N GLU B 229 15.03 4.82 -4.26
CA GLU B 229 16.49 4.86 -4.11
C GLU B 229 16.78 5.78 -2.91
N GLY B 230 17.02 5.16 -1.77
CA GLY B 230 17.13 5.86 -0.53
C GLY B 230 15.76 6.03 -0.01
N CYS B 231 15.55 7.03 0.78
CA CYS B 231 14.21 7.33 1.23
C CYS B 231 14.21 8.79 1.48
N ASP B 232 13.26 9.49 0.87
CA ASP B 232 13.12 10.93 1.09
C ASP B 232 14.40 11.74 0.70
N ARG B 233 15.08 11.32 -0.36
CA ARG B 233 16.23 12.06 -0.94
C ARG B 233 15.76 13.10 -1.93
N ASP B 234 16.33 14.30 -1.87
CA ASP B 234 15.94 15.35 -2.84
C ASP B 234 16.21 14.92 -4.27
N GLY B 235 15.23 15.07 -5.15
CA GLY B 235 15.37 14.69 -6.54
C GLY B 235 14.98 13.27 -6.88
N LYS B 236 14.68 12.54 -5.83
CA LYS B 236 14.41 11.15 -5.85
C LYS B 236 12.94 11.02 -5.41
N TYR B 237 12.22 10.06 -6.00
CA TYR B 237 10.79 9.84 -5.77
C TYR B 237 10.49 8.38 -5.55
N GLY B 238 9.50 8.13 -4.70
CA GLY B 238 9.00 6.79 -4.42
C GLY B 238 8.21 6.28 -5.60
N PHE B 239 8.39 4.99 -5.93
CA PHE B 239 7.75 4.33 -7.08
C PHE B 239 6.78 3.33 -6.57
N TYR B 240 5.62 3.33 -7.21
CA TYR B 240 4.46 2.60 -6.77
C TYR B 240 3.86 1.78 -7.92
N THR B 241 3.39 0.55 -7.63
CA THR B 241 2.77 -0.27 -8.67
C THR B 241 1.44 0.35 -9.05
N HIS B 242 1.26 0.53 -10.37
CA HIS B 242 0.09 1.14 -10.94
C HIS B 242 -0.98 0.07 -10.86
N VAL B 243 -1.90 0.22 -9.90
CA VAL B 243 -2.89 -0.81 -9.61
C VAL B 243 -4.02 -0.91 -10.61
N PHE B 244 -4.58 0.24 -11.03
CA PHE B 244 -5.58 0.23 -12.06
C PHE B 244 -5.06 -0.48 -13.29
N ARG B 245 -3.77 -0.34 -13.67
CA ARG B 245 -3.28 -1.09 -14.90
C ARG B 245 -3.35 -2.58 -14.82
N LEU B 246 -3.30 -3.13 -13.63
CA LEU B 246 -3.27 -4.57 -13.43
C LEU B 246 -4.55 -5.13 -12.84
N LYS B 247 -5.60 -4.30 -12.79
CA LYS B 247 -6.89 -4.70 -12.20
C LYS B 247 -7.56 -5.94 -12.84
N LYS B 248 -7.42 -6.15 -14.15
CA LYS B 248 -8.03 -7.37 -14.76
C LYS B 248 -7.40 -8.67 -14.27
N TRP B 249 -6.09 -8.67 -14.03
CA TRP B 249 -5.40 -9.79 -13.41
C TRP B 249 -5.99 -10.00 -12.04
N ILE B 250 -6.07 -8.94 -11.27
CA ILE B 250 -6.65 -9.06 -9.94
C ILE B 250 -8.01 -9.67 -10.02
N GLN B 251 -8.83 -9.17 -10.95
CA GLN B 251 -10.22 -9.69 -11.11
C GLN B 251 -10.22 -11.16 -11.40
N LYS B 252 -9.56 -11.55 -12.50
CA LYS B 252 -9.47 -12.94 -12.98
C LYS B 252 -9.11 -13.87 -11.88
N VAL B 253 -7.99 -13.59 -11.22
CA VAL B 253 -7.51 -14.47 -10.12
C VAL B 253 -8.57 -14.70 -9.00
N ILE B 254 -9.15 -13.59 -8.59
CA ILE B 254 -10.18 -13.64 -7.56
C ILE B 254 -11.36 -14.51 -8.01
N ASP B 255 -11.93 -14.09 -9.13
CA ASP B 255 -13.04 -14.81 -9.68
C ASP B 255 -12.69 -16.17 -10.10
N GLN B 256 -11.44 -16.49 -10.33
CA GLN B 256 -11.10 -17.83 -10.79
C GLN B 256 -10.79 -18.74 -9.66
N PHE B 257 -10.35 -18.19 -8.54
CA PHE B 257 -9.84 -19.06 -7.50
C PHE B 257 -10.41 -18.67 -6.12
N GLY B 258 -11.64 -18.12 -6.06
CA GLY B 258 -12.35 -17.76 -4.82
C GLY B 258 -13.31 -18.86 -4.47
O5' 3DR D 3 -0.19 -16.62 24.16
P 3DR D 3 -0.86 -17.50 25.34
OP1 3DR D 3 -2.14 -18.21 24.87
OP2 3DR D 3 0.20 -18.29 25.96
C2' 3DR D 3 -0.72 -13.13 21.55
C5' 3DR D 3 -1.09 -16.32 23.07
C4' 3DR D 3 -0.44 -15.50 21.95
O4' 3DR D 3 -1.47 -15.23 20.99
C1' 3DR D 3 -2.00 -13.93 21.21
C3' 3DR D 3 0.06 -14.14 22.35
O3' 3DR D 3 1.41 -14.00 22.05
C1 NAG E . 8.83 -20.82 -5.56
C2 NAG E . 9.65 -21.33 -6.73
C3 NAG E . 8.85 -22.45 -7.43
C4 NAG E . 8.43 -23.60 -6.48
C5 NAG E . 8.02 -23.01 -5.08
C6 NAG E . 8.07 -24.14 -4.04
C7 NAG E . 11.20 -19.63 -7.76
C8 NAG E . 11.28 -18.53 -8.79
N2 NAG E . 9.99 -20.24 -7.64
O3 NAG E . 9.70 -22.96 -8.47
O4 NAG E . 7.45 -24.46 -7.14
O5 NAG E . 8.83 -21.90 -4.62
O6 NAG E . 9.43 -24.34 -3.60
O7 NAG E . 12.21 -19.91 -7.12
N 0G6 F . 16.59 0.52 -4.15
CA 0G6 F . 16.10 -0.63 -4.87
C 0G6 F . 14.78 -1.00 -4.28
O 0G6 F . 14.15 -0.08 -3.85
CB 0G6 F . 15.99 -0.11 -6.28
CG 0G6 F . 15.81 -1.22 -7.17
CD1 0G6 F . 14.61 -1.22 -7.87
CD2 0G6 F . 16.79 -2.18 -7.26
CE1 0G6 F . 14.38 -2.27 -8.74
CE2 0G6 F . 16.58 -3.21 -8.13
CZ 0G6 F . 15.36 -3.27 -8.87
N1 0G6 F . 14.36 -2.29 -4.20
CA1 0G6 F . 13.00 -2.62 -3.80
C1 0G6 F . 12.69 -2.18 -2.42
O1 0G6 F . 13.67 -1.96 -1.69
CB1 0G6 F . 12.98 -4.13 -3.68
CG1 0G6 F . 14.33 -4.66 -4.06
CD 0G6 F . 15.17 -3.48 -4.46
N2 0G6 F . 11.39 -2.15 -2.11
CA2 0G6 F . 10.99 -1.84 -0.73
C2 0G6 F . 9.95 -2.82 -0.20
O2 0G6 F . 10.06 -2.91 1.22
CB2 0G6 F . 10.46 -0.43 -0.62
CG2 0G6 F . 11.43 0.73 -0.94
CD3 0G6 F . 10.67 2.05 -1.15
NE 0G6 F . 11.54 3.19 -1.04
CZ1 0G6 F . 11.14 4.42 -1.21
NH1 0G6 F . 12.09 5.32 -1.02
NH2 0G6 F . 9.87 4.77 -1.57
C3 0G6 F . 10.29 -4.20 -0.70
NA NA G . 4.45 -16.26 -22.78
NA NA H . -3.66 -5.58 29.46
#